data_4Q10
#
_entry.id   4Q10
#
_cell.length_a   98.680
_cell.length_b   97.958
_cell.length_c   112.038
_cell.angle_alpha   90.00
_cell.angle_beta   96.41
_cell.angle_gamma   90.00
#
_symmetry.space_group_name_H-M   'C 1 2 1'
#
loop_
_entity.id
_entity.type
_entity.pdbx_description
1 polymer 'DNA repair protein RAD2'
2 polymer "DNA (5'-D(*TP*TP*TP*TP*GP*CP*TP*CP*CP*CP*TP*TP*GP*TP*CP*TP*CP*AP*GP*TP*TP*TP*T)-3')"
3 polymer "DNA (5'-D(*TP*TP*TP*TP*CP*TP*GP*AP*GP*AP*CP*AP*AP*GP*GP*GP*AP*GP*CP*TP*TP*TP*T)-3')"
4 non-polymer 'CALCIUM ION'
5 non-polymer 'POTASSIUM ION'
6 water water
#
loop_
_entity_poly.entity_id
_entity_poly.type
_entity_poly.pdbx_seq_one_letter_code
_entity_poly.pdbx_strand_id
1 'polypeptide(L)'
;GVHSFWDIAGPTARPVRLESLEDKRMAVDASIWIYQFLKAVRDQEGNAVKNSHITGFFRRICKLLYFGIRPVFVFDGGVP
VLKRETIRQRKERRQGKRESAKSTARKLLANTTLSTSAERNVAENAFVEDELFEQQMKDKRDSDEVTMDMIKEVQELLSR
FGIPYITAPMEAEAQCAELLQLNLVDGIITDDSDVFLFGGTKIYKNMFHEKNYVEFYDAESILKLLGLDRKNMIELAQLL
GSDYTNGLKGMGPVSSIEVIAEFGNLKNFKDWYNNGQFDKRKQETENKFEKDLRKKLVNNEIILDDDFPSVMVYDAYMRP
EVDHDTTPFVWGVPDLDMLRSFMKTQLGWPHEKSDEILIPLIRDV
;
A,B
2 'polydeoxyribonucleotide'
;(DT)(DT)(DT)(DT)(DG)(DC)(DT)(DC)(DC)(DC)(DT)(DT)(DG)(DT)(DC)(DT)(DC)(DA)(DG)(DT)
(DT)(DT)(DT)
;
C
3 'polydeoxyribonucleotide'
;(DT)(DT)(DT)(DT)(DC)(DT)(DG)(DA)(DG)(DA)(DC)(DA)(DA)(DG)(DG)(DG)(DA)(DG)(DC)(DT)
(DT)(DT)(DT)
;
D
#
loop_
_chem_comp.id
_chem_comp.type
_chem_comp.name
_chem_comp.formula
CA non-polymer 'CALCIUM ION' 'Ca 2'
DA DNA linking 2'-DEOXYADENOSINE-5'-MONOPHOSPHATE 'C10 H14 N5 O6 P'
DC DNA linking 2'-DEOXYCYTIDINE-5'-MONOPHOSPHATE 'C9 H14 N3 O7 P'
DG DNA linking 2'-DEOXYGUANOSINE-5'-MONOPHOSPHATE 'C10 H14 N5 O7 P'
DT DNA linking THYMIDINE-5'-MONOPHOSPHATE 'C10 H15 N2 O8 P'
K non-polymer 'POTASSIUM ION' 'K 1'
#
# COMPACT_ATOMS: atom_id res chain seq x y z
N GLY A 1 -13.35 -2.99 18.16
CA GLY A 1 -13.49 -3.15 16.72
C GLY A 1 -12.80 -4.40 16.20
N VAL A 2 -13.30 -4.90 15.07
CA VAL A 2 -12.61 -5.96 14.32
C VAL A 2 -12.01 -5.35 13.06
N HIS A 3 -10.68 -5.48 12.92
CA HIS A 3 -9.92 -4.80 11.87
C HIS A 3 -10.50 -4.96 10.45
N SER A 4 -10.79 -3.83 9.81
CA SER A 4 -11.21 -3.80 8.41
C SER A 4 -12.55 -4.48 8.11
N PHE A 5 -13.26 -4.92 9.14
CA PHE A 5 -14.54 -5.60 8.93
C PHE A 5 -15.61 -4.72 8.28
N TRP A 6 -15.62 -3.42 8.61
CA TRP A 6 -16.56 -2.49 7.99
C TRP A 6 -16.31 -2.44 6.49
N ASP A 7 -15.05 -2.55 6.09
CA ASP A 7 -14.69 -2.60 4.68
C ASP A 7 -15.36 -3.78 3.97
N ILE A 8 -15.32 -4.96 4.60
CA ILE A 8 -15.99 -6.17 4.09
C ILE A 8 -17.52 -6.07 4.13
N ALA A 9 -18.04 -5.48 5.21
CA ALA A 9 -19.48 -5.42 5.41
C ALA A 9 -20.13 -4.33 4.55
N GLY A 10 -19.44 -3.18 4.45
CA GLY A 10 -19.92 -2.01 3.73
C GLY A 10 -20.66 -2.20 2.42
N PRO A 11 -20.21 -3.11 1.56
CA PRO A 11 -21.03 -3.23 0.35
C PRO A 11 -22.44 -3.79 0.59
N THR A 12 -22.75 -4.23 1.81
CA THR A 12 -24.12 -4.67 2.15
C THR A 12 -24.92 -3.56 2.84
N ALA A 13 -24.24 -2.46 3.14
CA ALA A 13 -24.87 -1.27 3.71
C ALA A 13 -26.03 -0.84 2.85
N ARG A 14 -27.09 -0.37 3.52
CA ARG A 14 -28.26 0.17 2.85
C ARG A 14 -28.62 1.48 3.53
N PRO A 15 -28.94 2.51 2.73
CA PRO A 15 -29.30 3.82 3.28
C PRO A 15 -30.68 3.80 3.96
N VAL A 16 -30.89 4.72 4.90
CA VAL A 16 -32.17 4.80 5.59
C VAL A 16 -32.59 6.25 5.85
N ARG A 17 -33.83 6.57 5.48
CA ARG A 17 -34.38 7.90 5.73
C ARG A 17 -34.59 8.11 7.24
N LEU A 18 -33.88 9.10 7.79
CA LEU A 18 -33.92 9.39 9.23
C LEU A 18 -35.34 9.61 9.76
N GLU A 19 -36.23 10.06 8.89
CA GLU A 19 -37.64 10.22 9.23
C GLU A 19 -38.27 8.92 9.74
N SER A 20 -37.98 7.83 9.03
CA SER A 20 -38.59 6.52 9.26
C SER A 20 -38.24 5.83 10.59
N LEU A 21 -37.51 6.54 11.45
CA LEU A 21 -37.06 5.99 12.72
C LEU A 21 -37.92 6.47 13.89
N GLU A 22 -39.04 7.12 13.56
CA GLU A 22 -39.98 7.65 14.54
C GLU A 22 -40.55 6.57 15.46
N ASP A 23 -40.37 6.75 16.78
CA ASP A 23 -40.88 5.85 17.83
C ASP A 23 -40.14 4.53 17.93
N LYS A 24 -39.10 4.38 17.12
CA LYS A 24 -38.23 3.23 17.22
C LYS A 24 -37.34 3.37 18.45
N ARG A 25 -37.36 2.38 19.34
CA ARG A 25 -36.38 2.40 20.42
C ARG A 25 -35.04 1.86 19.90
N MET A 26 -33.95 2.49 20.34
CA MET A 26 -32.60 2.12 19.94
C MET A 26 -31.67 1.98 21.14
N ALA A 27 -30.85 0.94 21.14
CA ALA A 27 -29.71 0.89 22.05
C ALA A 27 -28.61 1.80 21.49
N VAL A 28 -28.23 2.82 22.24
CA VAL A 28 -27.20 3.74 21.82
C VAL A 28 -25.89 3.40 22.54
N ASP A 29 -24.88 3.02 21.75
CA ASP A 29 -23.59 2.65 22.30
C ASP A 29 -22.78 3.93 22.49
N ALA A 30 -22.65 4.35 23.74
CA ALA A 30 -21.91 5.56 24.06
C ALA A 30 -20.75 5.21 24.97
N SER A 31 -20.29 3.97 24.85
CA SER A 31 -19.19 3.47 25.66
C SER A 31 -17.93 4.34 25.55
N ILE A 32 -17.72 4.97 24.40
CA ILE A 32 -16.50 5.73 24.14
C ILE A 32 -16.75 7.22 23.87
N TRP A 33 -18.01 7.63 23.88
CA TRP A 33 -18.43 8.98 23.50
C TRP A 33 -17.67 10.10 24.22
N ILE A 34 -17.59 10.01 25.55
CA ILE A 34 -16.85 10.98 26.32
C ILE A 34 -15.38 11.05 25.91
N TYR A 35 -14.72 9.89 25.86
CA TYR A 35 -13.33 9.77 25.40
C TYR A 35 -13.11 10.49 24.06
N GLN A 36 -13.91 10.15 23.05
CA GLN A 36 -13.85 10.82 21.75
C GLN A 36 -13.93 12.34 21.87
N PHE A 37 -14.94 12.82 22.60
CA PHE A 37 -15.21 14.26 22.71
C PHE A 37 -14.03 15.01 23.35
N LEU A 38 -13.33 14.32 24.25
CA LEU A 38 -12.13 14.86 24.86
C LEU A 38 -11.03 15.08 23.84
N LYS A 39 -10.89 14.14 22.91
CA LYS A 39 -9.76 14.11 21.99
C LYS A 39 -10.04 14.68 20.61
N ALA A 40 -11.21 15.29 20.42
CA ALA A 40 -11.57 15.84 19.11
C ALA A 40 -11.92 17.34 19.14
N VAL A 41 -11.44 18.04 20.17
CA VAL A 41 -11.76 19.46 20.36
C VAL A 41 -10.53 20.38 20.38
N ARG A 42 -10.62 21.49 19.67
CA ARG A 42 -9.51 22.44 19.52
C ARG A 42 -9.20 23.18 20.81
N VAL A 49 -11.20 21.80 24.36
CA VAL A 49 -12.08 22.70 25.11
C VAL A 49 -12.73 21.97 26.28
N LYS A 50 -13.32 22.73 27.20
CA LYS A 50 -13.95 22.13 28.37
C LYS A 50 -15.44 21.89 28.16
N ASN A 51 -15.98 20.96 28.94
CA ASN A 51 -17.37 20.53 28.83
C ASN A 51 -17.79 20.20 27.40
N SER A 52 -16.86 19.59 26.66
CA SER A 52 -17.11 19.15 25.29
C SER A 52 -17.99 17.91 25.27
N HIS A 53 -17.86 17.09 26.30
CA HIS A 53 -18.71 15.91 26.47
C HIS A 53 -20.17 16.30 26.64
N ILE A 54 -20.42 17.29 27.51
CA ILE A 54 -21.76 17.81 27.71
C ILE A 54 -22.30 18.40 26.41
N THR A 55 -21.48 19.20 25.75
CA THR A 55 -21.86 19.79 24.47
C THR A 55 -22.16 18.67 23.47
N GLY A 56 -21.19 17.79 23.30
CA GLY A 56 -21.28 16.68 22.36
C GLY A 56 -22.47 15.78 22.64
N PHE A 57 -22.63 15.39 23.91
CA PHE A 57 -23.78 14.58 24.28
C PHE A 57 -25.10 15.26 23.95
N PHE A 58 -25.20 16.54 24.33
CA PHE A 58 -26.42 17.30 24.09
C PHE A 58 -26.75 17.42 22.62
N ARG A 59 -25.76 17.82 21.82
CA ARG A 59 -25.94 17.96 20.38
C ARG A 59 -26.55 16.69 19.82
N ARG A 60 -25.98 15.56 20.20
CA ARG A 60 -26.41 14.25 19.71
C ARG A 60 -27.79 13.85 20.25
N ILE A 61 -28.02 14.10 21.54
CA ILE A 61 -29.29 13.78 22.17
C ILE A 61 -30.43 14.48 21.42
N CYS A 62 -30.20 15.72 21.01
CA CYS A 62 -31.20 16.48 20.28
C CYS A 62 -31.46 15.91 18.89
N LYS A 63 -30.42 15.31 18.31
CA LYS A 63 -30.53 14.72 16.97
C LYS A 63 -31.34 13.44 17.03
N LEU A 64 -31.18 12.70 18.12
CA LEU A 64 -31.94 11.48 18.31
C LEU A 64 -33.42 11.82 18.53
N LEU A 65 -33.66 12.85 19.34
CA LEU A 65 -35.03 13.25 19.66
C LEU A 65 -35.72 13.89 18.46
N TYR A 66 -34.96 14.65 17.66
CA TYR A 66 -35.53 15.28 16.47
C TYR A 66 -36.26 14.33 15.52
N PHE A 67 -35.88 13.05 15.51
CA PHE A 67 -36.49 12.09 14.59
C PHE A 67 -37.36 11.08 15.33
N GLY A 68 -37.72 11.41 16.56
CA GLY A 68 -38.62 10.57 17.35
C GLY A 68 -38.04 9.23 17.79
N ILE A 69 -36.71 9.13 17.78
CA ILE A 69 -36.04 7.94 18.28
C ILE A 69 -36.30 7.84 19.78
N ARG A 70 -36.55 6.64 20.27
CA ARG A 70 -36.64 6.42 21.72
C ARG A 70 -35.35 5.74 22.24
N PRO A 71 -34.29 6.54 22.43
CA PRO A 71 -32.99 5.93 22.68
C PRO A 71 -32.89 5.45 24.12
N VAL A 72 -32.15 4.35 24.31
CA VAL A 72 -31.70 3.98 25.64
C VAL A 72 -30.18 3.93 25.58
N PHE A 73 -29.52 4.69 26.45
CA PHE A 73 -28.07 4.80 26.42
C PHE A 73 -27.41 3.68 27.20
N VAL A 74 -26.32 3.16 26.66
CA VAL A 74 -25.57 2.12 27.33
C VAL A 74 -24.11 2.53 27.49
N PHE A 75 -23.50 2.14 28.60
CA PHE A 75 -22.12 2.51 28.88
C PHE A 75 -21.25 1.26 29.11
N ASP A 76 -19.94 1.46 29.24
CA ASP A 76 -19.05 0.33 29.55
C ASP A 76 -19.01 0.02 31.04
N GLY A 77 -18.87 -1.26 31.36
CA GLY A 77 -18.55 -1.66 32.71
C GLY A 77 -17.07 -1.98 32.78
N GLY A 78 -16.76 -3.24 33.10
CA GLY A 78 -15.39 -3.70 33.15
C GLY A 78 -14.83 -4.07 31.79
N VAL A 79 -13.59 -4.54 31.79
CA VAL A 79 -12.93 -5.00 30.57
C VAL A 79 -12.66 -6.50 30.69
N PRO A 80 -13.08 -7.29 29.68
CA PRO A 80 -12.97 -8.74 29.76
C PRO A 80 -11.52 -9.22 29.67
N VAL A 81 -11.22 -10.30 30.38
CA VAL A 81 -9.90 -10.93 30.44
C VAL A 81 -9.17 -10.99 29.10
N LEU A 82 -9.82 -11.57 28.11
CA LEU A 82 -9.26 -11.70 26.77
C LEU A 82 -8.92 -10.33 26.17
N LYS A 83 -9.77 -9.34 26.44
CA LYS A 83 -9.58 -7.98 25.92
C LYS A 83 -8.35 -7.30 26.51
N ARG A 84 -7.82 -7.86 27.60
CA ARG A 84 -6.74 -7.24 28.35
C ARG A 84 -5.38 -7.78 27.90
N GLU A 85 -5.26 -9.10 27.87
CA GLU A 85 -4.00 -9.76 27.51
C GLU A 85 -3.62 -9.50 26.05
N THR A 86 -4.60 -9.07 25.25
CA THR A 86 -4.36 -8.71 23.87
C THR A 86 -3.94 -7.25 23.77
N ILE A 87 -4.11 -6.51 24.86
CA ILE A 87 -3.74 -5.09 24.89
C ILE A 87 -2.28 -4.89 25.32
N ARG A 88 -1.83 -5.65 26.31
CA ARG A 88 -0.44 -5.57 26.78
C ARG A 88 0.55 -5.86 25.66
N GLN A 89 0.11 -6.63 24.68
CA GLN A 89 0.93 -7.00 23.53
C GLN A 89 0.78 -5.99 22.40
N ASP A 144 -5.12 13.04 29.80
CA ASP A 144 -6.54 13.11 29.47
C ASP A 144 -7.23 11.77 29.64
N GLU A 145 -8.05 11.65 30.67
CA GLU A 145 -8.74 10.40 30.99
C GLU A 145 -10.26 10.59 31.18
N VAL A 146 -10.93 9.56 31.67
CA VAL A 146 -12.38 9.60 31.86
C VAL A 146 -12.74 9.68 33.34
N THR A 147 -13.17 10.85 33.77
CA THR A 147 -13.50 11.09 35.18
C THR A 147 -14.95 10.73 35.46
N MET A 148 -15.19 10.17 36.65
CA MET A 148 -16.55 9.80 37.06
C MET A 148 -17.51 10.98 37.06
N ASP A 149 -16.97 12.19 37.19
CA ASP A 149 -17.78 13.41 37.08
C ASP A 149 -18.35 13.55 35.68
N MET A 150 -17.46 13.59 34.68
CA MET A 150 -17.82 13.67 33.26
C MET A 150 -18.89 12.65 32.92
N ILE A 151 -18.70 11.43 33.42
CA ILE A 151 -19.67 10.37 33.26
C ILE A 151 -21.00 10.81 33.89
N LYS A 152 -20.98 11.04 35.21
CA LYS A 152 -22.21 11.38 35.93
C LYS A 152 -23.01 12.53 35.33
N GLU A 153 -22.31 13.56 34.83
CA GLU A 153 -23.00 14.75 34.32
C GLU A 153 -23.58 14.57 32.92
N VAL A 154 -23.21 13.49 32.24
CA VAL A 154 -23.87 13.15 30.97
C VAL A 154 -25.02 12.19 31.22
N GLN A 155 -24.90 11.35 32.26
CA GLN A 155 -26.01 10.48 32.65
C GLN A 155 -27.11 11.38 33.18
N GLU A 156 -26.69 12.41 33.93
CA GLU A 156 -27.60 13.39 34.48
C GLU A 156 -28.32 14.15 33.37
N LEU A 157 -27.57 14.50 32.32
CA LEU A 157 -28.15 15.18 31.17
C LEU A 157 -29.19 14.29 30.48
N LEU A 158 -29.00 12.97 30.59
CA LEU A 158 -29.92 12.01 30.00
C LEU A 158 -31.19 11.94 30.84
N SER A 159 -31.03 11.70 32.14
CA SER A 159 -32.16 11.64 33.07
C SER A 159 -33.06 12.87 32.96
N ARG A 160 -32.45 14.04 32.79
CA ARG A 160 -33.21 15.28 32.71
C ARG A 160 -33.84 15.46 31.33
N PHE A 161 -33.38 14.66 30.37
CA PHE A 161 -34.04 14.59 29.06
C PHE A 161 -35.11 13.51 29.13
N GLY A 162 -35.10 12.74 30.21
CA GLY A 162 -36.03 11.64 30.40
C GLY A 162 -35.57 10.38 29.71
N ILE A 163 -34.29 10.33 29.34
CA ILE A 163 -33.74 9.19 28.60
C ILE A 163 -33.08 8.16 29.52
N PRO A 164 -33.55 6.91 29.47
CA PRO A 164 -33.01 5.88 30.38
C PRO A 164 -31.64 5.40 29.94
N TYR A 165 -30.91 4.79 30.88
CA TYR A 165 -29.60 4.26 30.57
C TYR A 165 -29.26 3.07 31.44
N ILE A 166 -28.30 2.27 30.98
CA ILE A 166 -27.72 1.23 31.82
C ILE A 166 -26.23 1.26 31.64
N THR A 167 -25.54 0.69 32.61
CA THR A 167 -24.12 0.41 32.46
C THR A 167 -23.99 -1.09 32.29
N ALA A 168 -23.36 -1.51 31.21
CA ALA A 168 -23.16 -2.93 30.93
C ALA A 168 -22.24 -3.49 32.00
N PRO A 169 -22.34 -4.80 32.28
CA PRO A 169 -21.35 -5.49 33.11
C PRO A 169 -19.95 -5.31 32.51
N MET A 170 -19.80 -5.75 31.26
CA MET A 170 -18.54 -5.63 30.55
C MET A 170 -18.66 -4.69 29.36
N GLU A 171 -18.61 -5.24 28.15
CA GLU A 171 -18.63 -4.41 26.94
C GLU A 171 -20.04 -3.98 26.55
N ALA A 172 -20.18 -2.71 26.21
CA ALA A 172 -21.47 -2.12 25.82
C ALA A 172 -22.07 -2.81 24.60
N GLU A 173 -21.28 -2.93 23.53
CA GLU A 173 -21.74 -3.55 22.30
C GLU A 173 -22.35 -4.94 22.55
N ALA A 174 -21.74 -5.68 23.47
CA ALA A 174 -22.27 -6.98 23.88
C ALA A 174 -23.66 -6.80 24.46
N GLN A 175 -23.80 -5.84 25.36
CA GLN A 175 -25.08 -5.54 26.01
C GLN A 175 -26.15 -5.14 24.99
N CYS A 176 -25.83 -4.19 24.11
CA CYS A 176 -26.73 -3.77 23.03
C CYS A 176 -27.27 -4.96 22.26
N ALA A 177 -26.38 -5.91 21.98
CA ALA A 177 -26.77 -7.13 21.28
C ALA A 177 -27.80 -7.91 22.09
N GLU A 178 -27.55 -8.02 23.39
CA GLU A 178 -28.51 -8.70 24.29
C GLU A 178 -29.92 -8.05 24.30
N LEU A 179 -29.97 -6.73 24.46
CA LEU A 179 -31.25 -6.01 24.51
C LEU A 179 -32.06 -6.20 23.24
N LEU A 180 -31.35 -6.25 22.11
CA LEU A 180 -32.02 -6.43 20.83
C LEU A 180 -32.59 -7.84 20.72
N GLN A 181 -31.86 -8.82 21.24
CA GLN A 181 -32.33 -10.19 21.23
C GLN A 181 -33.53 -10.37 22.18
N LEU A 182 -33.57 -9.56 23.23
CA LEU A 182 -34.64 -9.66 24.23
C LEU A 182 -35.85 -8.80 23.84
N ASN A 183 -35.89 -8.36 22.59
CA ASN A 183 -36.96 -7.50 22.06
C ASN A 183 -37.13 -6.15 22.78
N LEU A 184 -36.20 -5.81 23.67
CA LEU A 184 -36.22 -4.54 24.39
C LEU A 184 -35.90 -3.32 23.51
N VAL A 185 -35.25 -3.56 22.38
CA VAL A 185 -35.05 -2.48 21.40
C VAL A 185 -35.39 -2.99 20.00
N ASP A 186 -35.27 -2.10 19.02
CA ASP A 186 -35.64 -2.43 17.66
C ASP A 186 -34.49 -2.10 16.73
N GLY A 187 -33.43 -1.56 17.31
CA GLY A 187 -32.29 -1.09 16.55
C GLY A 187 -31.11 -0.82 17.46
N ILE A 188 -29.92 -0.87 16.89
CA ILE A 188 -28.69 -0.59 17.63
C ILE A 188 -27.82 0.45 16.93
N ILE A 189 -27.47 1.50 17.66
CA ILE A 189 -26.68 2.59 17.12
C ILE A 189 -25.26 2.49 17.62
N THR A 190 -24.35 2.21 16.70
CA THR A 190 -22.96 2.07 17.06
C THR A 190 -22.07 2.18 15.83
N ASP A 191 -20.78 2.42 16.06
CA ASP A 191 -19.80 2.45 14.99
C ASP A 191 -18.77 1.35 15.22
N ASP A 192 -19.01 0.54 16.24
CA ASP A 192 -18.11 -0.54 16.63
C ASP A 192 -18.56 -1.84 15.96
N SER A 193 -17.66 -2.47 15.21
CA SER A 193 -18.05 -3.61 14.38
C SER A 193 -18.18 -4.91 15.16
N ASP A 194 -17.66 -4.94 16.38
CA ASP A 194 -17.73 -6.13 17.23
C ASP A 194 -19.15 -6.54 17.54
N VAL A 195 -20.07 -5.59 17.38
CA VAL A 195 -21.47 -5.81 17.67
C VAL A 195 -22.00 -7.00 16.84
N PHE A 196 -21.55 -7.13 15.60
CA PHE A 196 -21.90 -8.27 14.76
C PHE A 196 -21.43 -9.59 15.31
N LEU A 197 -20.27 -9.60 15.94
CA LEU A 197 -19.71 -10.87 16.40
C LEU A 197 -20.41 -11.33 17.67
N PHE A 198 -20.93 -10.37 18.42
CA PHE A 198 -21.68 -10.68 19.63
C PHE A 198 -23.12 -11.13 19.33
N GLY A 199 -23.49 -11.21 18.05
CA GLY A 199 -24.82 -11.65 17.66
C GLY A 199 -25.76 -10.54 17.22
N GLY A 200 -25.35 -9.30 17.45
CA GLY A 200 -26.12 -8.13 17.05
C GLY A 200 -26.52 -8.08 15.58
N THR A 201 -27.50 -7.23 15.28
CA THR A 201 -27.96 -6.98 13.92
C THR A 201 -28.75 -5.68 13.92
N LYS A 202 -29.35 -5.35 12.79
CA LYS A 202 -30.11 -4.09 12.67
C LYS A 202 -29.30 -2.90 13.17
N ILE A 203 -28.06 -2.82 12.69
CA ILE A 203 -27.12 -1.80 13.15
C ILE A 203 -27.30 -0.53 12.34
N TYR A 204 -27.25 0.60 13.03
CA TYR A 204 -27.32 1.90 12.37
C TYR A 204 -25.97 2.59 12.52
N LYS A 205 -25.31 2.84 11.40
CA LYS A 205 -23.94 3.37 11.43
C LYS A 205 -23.95 4.80 10.91
N ASN A 206 -22.99 5.59 11.37
CA ASN A 206 -22.86 6.99 10.95
C ASN A 206 -24.11 7.79 11.25
N MET A 207 -24.68 7.52 12.42
CA MET A 207 -25.86 8.24 12.88
C MET A 207 -25.53 9.72 13.04
N PHE A 208 -24.27 10.01 13.36
CA PHE A 208 -23.84 11.37 13.63
C PHE A 208 -22.70 11.78 12.69
N HIS A 209 -23.08 12.29 11.52
CA HIS A 209 -22.11 12.76 10.54
C HIS A 209 -22.50 14.10 9.94
N VAL A 214 -26.77 7.90 6.73
CA VAL A 214 -26.88 6.87 7.78
C VAL A 214 -27.04 5.49 7.16
N GLU A 215 -26.25 4.53 7.66
CA GLU A 215 -26.14 3.22 7.03
C GLU A 215 -26.75 2.08 7.86
N PHE A 216 -27.74 1.41 7.27
CA PHE A 216 -28.34 0.24 7.92
C PHE A 216 -27.55 -1.03 7.61
N TYR A 217 -27.31 -1.83 8.65
CA TYR A 217 -26.61 -3.11 8.50
C TYR A 217 -27.33 -4.17 9.30
N ASP A 218 -27.43 -5.38 8.76
CA ASP A 218 -28.09 -6.49 9.46
C ASP A 218 -27.45 -7.83 9.11
N ALA A 219 -27.54 -8.78 10.04
CA ALA A 219 -26.95 -10.11 9.85
C ALA A 219 -27.48 -10.87 8.65
N GLU A 220 -28.74 -10.65 8.29
CA GLU A 220 -29.31 -11.30 7.11
C GLU A 220 -28.53 -10.92 5.86
N SER A 221 -28.39 -9.62 5.63
CA SER A 221 -27.75 -9.12 4.42
C SER A 221 -26.31 -9.57 4.32
N ILE A 222 -25.63 -9.63 5.46
CA ILE A 222 -24.28 -10.15 5.49
C ILE A 222 -24.25 -11.64 5.10
N LEU A 223 -25.14 -12.41 5.71
CA LEU A 223 -25.27 -13.82 5.36
C LEU A 223 -25.62 -13.99 3.88
N LYS A 224 -26.60 -13.22 3.41
CA LYS A 224 -27.18 -13.43 2.09
C LYS A 224 -26.33 -12.95 0.93
N LEU A 225 -25.41 -12.01 1.19
CA LEU A 225 -24.64 -11.40 0.12
C LEU A 225 -23.18 -11.78 0.19
N LEU A 226 -22.65 -11.92 1.40
CA LEU A 226 -21.25 -12.29 1.61
C LEU A 226 -21.08 -13.76 1.95
N GLY A 227 -22.17 -14.43 2.31
CA GLY A 227 -22.09 -15.83 2.72
C GLY A 227 -21.51 -16.04 4.12
N LEU A 228 -21.41 -14.96 4.91
CA LEU A 228 -20.84 -15.07 6.25
C LEU A 228 -21.91 -15.21 7.33
N ASP A 229 -21.78 -16.23 8.16
CA ASP A 229 -22.68 -16.37 9.29
C ASP A 229 -21.97 -16.05 10.60
N ARG A 230 -22.66 -16.29 11.71
CA ARG A 230 -22.11 -15.90 13.00
C ARG A 230 -20.71 -16.51 13.22
N LYS A 231 -20.58 -17.81 12.92
CA LYS A 231 -19.31 -18.53 13.07
C LYS A 231 -18.24 -17.97 12.13
N ASN A 232 -18.65 -17.61 10.92
CA ASN A 232 -17.75 -17.00 9.94
C ASN A 232 -17.16 -15.67 10.40
N MET A 233 -17.96 -14.88 11.08
CA MET A 233 -17.47 -13.57 11.49
C MET A 233 -16.55 -13.71 12.68
N ILE A 234 -16.90 -14.61 13.60
CA ILE A 234 -16.06 -14.85 14.76
C ILE A 234 -14.69 -15.37 14.31
N GLU A 235 -14.69 -16.09 13.19
CA GLU A 235 -13.46 -16.62 12.64
C GLU A 235 -12.69 -15.58 11.83
N LEU A 236 -13.39 -14.80 10.99
CA LEU A 236 -12.75 -13.66 10.31
C LEU A 236 -11.88 -12.82 11.25
N ALA A 237 -12.44 -12.48 12.41
CA ALA A 237 -11.71 -11.73 13.42
C ALA A 237 -10.37 -12.39 13.74
N GLN A 238 -10.37 -13.71 13.89
CA GLN A 238 -9.12 -14.39 14.24
C GLN A 238 -8.03 -14.32 13.15
N LEU A 239 -8.46 -13.94 11.95
CA LEU A 239 -7.55 -13.64 10.86
C LEU A 239 -7.18 -12.16 10.87
N LEU A 240 -8.19 -11.30 10.86
CA LEU A 240 -8.01 -9.86 10.74
C LEU A 240 -7.43 -9.21 11.99
N GLY A 241 -7.70 -9.79 13.15
CA GLY A 241 -7.39 -9.14 14.42
C GLY A 241 -8.56 -8.38 15.01
N SER A 242 -8.56 -8.24 16.33
CA SER A 242 -9.66 -7.60 17.04
C SER A 242 -9.26 -7.44 18.50
N ASP A 243 -10.13 -6.81 19.30
CA ASP A 243 -9.87 -6.61 20.72
C ASP A 243 -9.57 -7.92 21.45
N TYR A 244 -10.00 -9.04 20.89
CA TYR A 244 -9.85 -10.34 21.54
C TYR A 244 -8.68 -11.18 21.00
N THR A 245 -8.14 -10.81 19.83
CA THR A 245 -7.10 -11.61 19.17
C THR A 245 -6.19 -10.79 18.25
N ASN A 246 -4.96 -11.28 18.06
CA ASN A 246 -3.95 -10.55 17.28
C ASN A 246 -4.01 -10.76 15.78
N GLY A 247 -4.74 -11.79 15.34
CA GLY A 247 -4.85 -12.08 13.92
C GLY A 247 -3.62 -12.76 13.32
N LEU A 248 -3.59 -12.87 11.99
CA LEU A 248 -2.46 -13.45 11.30
C LEU A 248 -1.81 -12.39 10.44
N LYS A 249 -0.56 -12.06 10.77
CA LYS A 249 0.23 -11.12 9.98
C LYS A 249 0.16 -11.55 8.53
N GLY A 250 -0.29 -10.64 7.68
CA GLY A 250 -0.46 -10.93 6.27
C GLY A 250 -1.91 -11.05 5.84
N MET A 251 -2.81 -11.28 6.81
CA MET A 251 -4.22 -11.45 6.47
C MET A 251 -5.06 -10.16 6.69
N GLY A 252 -5.38 -9.49 5.59
CA GLY A 252 -6.25 -8.34 5.68
C GLY A 252 -7.62 -8.71 5.15
N PRO A 253 -8.46 -7.71 4.85
CA PRO A 253 -9.85 -7.96 4.45
C PRO A 253 -9.98 -8.81 3.19
N VAL A 254 -9.08 -8.65 2.23
CA VAL A 254 -9.22 -9.43 1.00
C VAL A 254 -8.81 -10.89 1.21
N SER A 255 -7.67 -11.12 1.86
CA SER A 255 -7.17 -12.48 1.99
C SER A 255 -8.01 -13.32 2.96
N SER A 256 -8.52 -12.66 4.01
CA SER A 256 -9.27 -13.34 5.05
C SER A 256 -10.60 -13.81 4.52
N ILE A 257 -11.18 -13.02 3.63
CA ILE A 257 -12.36 -13.47 2.89
C ILE A 257 -12.01 -14.62 1.93
N GLU A 258 -10.83 -14.54 1.29
CA GLU A 258 -10.42 -15.62 0.39
C GLU A 258 -10.25 -16.92 1.16
N VAL A 259 -9.58 -16.85 2.31
CA VAL A 259 -9.41 -18.03 3.15
C VAL A 259 -10.74 -18.66 3.61
N ILE A 260 -11.63 -17.88 4.19
CA ILE A 260 -12.91 -18.44 4.64
C ILE A 260 -13.72 -19.11 3.50
N ALA A 261 -13.75 -18.48 2.31
CA ALA A 261 -14.44 -19.09 1.17
C ALA A 261 -13.80 -20.42 0.78
N GLU A 262 -12.47 -20.43 0.74
CA GLU A 262 -11.73 -21.58 0.24
C GLU A 262 -11.64 -22.74 1.22
N PHE A 263 -11.49 -22.42 2.49
CA PHE A 263 -11.28 -23.44 3.50
C PHE A 263 -12.48 -23.73 4.40
N GLY A 264 -13.45 -22.83 4.42
CA GLY A 264 -14.67 -23.06 5.17
C GLY A 264 -14.54 -22.67 6.62
N ASN A 265 -13.57 -23.26 7.32
CA ASN A 265 -13.38 -22.93 8.73
C ASN A 265 -11.90 -22.90 9.12
N LEU A 266 -11.59 -22.18 10.20
CA LEU A 266 -10.20 -22.06 10.63
C LEU A 266 -9.53 -23.40 10.97
N LYS A 267 -10.29 -24.37 11.50
CA LYS A 267 -9.72 -25.70 11.77
C LYS A 267 -9.33 -26.41 10.48
N ASN A 268 -10.15 -26.26 9.44
CA ASN A 268 -9.78 -26.86 8.17
C ASN A 268 -8.57 -26.14 7.60
N PHE A 269 -8.59 -24.82 7.69
CA PHE A 269 -7.47 -24.01 7.24
C PHE A 269 -6.13 -24.46 7.82
N LYS A 270 -6.09 -24.69 9.14
CA LYS A 270 -4.85 -25.06 9.83
C LYS A 270 -4.35 -26.46 9.45
N ASP A 271 -5.26 -27.42 9.28
CA ASP A 271 -4.84 -28.74 8.89
C ASP A 271 -4.14 -28.67 7.54
N TRP A 272 -4.79 -28.03 6.57
CA TRP A 272 -4.17 -27.81 5.27
C TRP A 272 -2.76 -27.23 5.39
N TYR A 273 -2.56 -26.33 6.37
CA TYR A 273 -1.26 -25.74 6.56
C TYR A 273 -0.28 -26.71 7.19
N ASN A 274 -0.56 -27.12 8.42
CA ASN A 274 0.29 -28.07 9.13
C ASN A 274 0.61 -29.35 8.33
N ASN A 275 -0.42 -30.12 7.96
CA ASN A 275 -0.23 -31.29 7.11
C ASN A 275 0.71 -31.03 5.93
N GLY A 276 0.53 -29.89 5.27
CA GLY A 276 1.30 -29.56 4.09
C GLY A 276 2.74 -29.27 4.44
N GLN A 277 2.96 -28.83 5.67
CA GLN A 277 4.29 -28.53 6.18
C GLN A 277 4.98 -29.75 6.80
N PHE A 278 4.19 -30.77 7.12
CA PHE A 278 4.70 -31.98 7.74
C PHE A 278 5.05 -33.04 6.70
N ASP A 279 4.34 -33.05 5.59
CA ASP A 279 4.60 -33.99 4.50
C ASP A 279 4.42 -33.25 3.18
N LYS A 280 5.53 -33.02 2.50
CA LYS A 280 5.54 -32.24 1.26
C LYS A 280 4.83 -32.95 0.10
N ARG A 281 4.49 -34.23 0.28
CA ARG A 281 3.61 -34.92 -0.67
C ARG A 281 2.25 -34.21 -0.79
N LYS A 282 1.73 -33.74 0.36
CA LYS A 282 0.40 -33.14 0.44
C LYS A 282 0.22 -31.94 -0.49
N GLN A 283 1.31 -31.22 -0.75
CA GLN A 283 1.20 -30.01 -1.58
C GLN A 283 1.12 -30.29 -3.08
N GLU A 284 1.47 -31.50 -3.48
CA GLU A 284 1.53 -31.83 -4.91
C GLU A 284 0.25 -31.53 -5.70
N THR A 285 -0.90 -31.61 -5.04
CA THR A 285 -2.19 -31.32 -5.69
C THR A 285 -2.57 -29.83 -5.69
N GLU A 286 -1.98 -29.05 -4.80
CA GLU A 286 -2.40 -27.68 -4.53
C GLU A 286 -2.50 -26.80 -5.79
N ASN A 287 -3.55 -25.98 -5.87
CA ASN A 287 -3.72 -25.10 -7.02
C ASN A 287 -2.90 -23.82 -6.85
N LYS A 288 -3.07 -22.87 -7.76
CA LYS A 288 -2.33 -21.63 -7.67
C LYS A 288 -2.64 -20.88 -6.37
N PHE A 289 -3.92 -20.72 -6.07
CA PHE A 289 -4.31 -20.04 -4.84
C PHE A 289 -3.61 -20.62 -3.61
N GLU A 290 -3.74 -21.94 -3.40
CA GLU A 290 -3.11 -22.61 -2.25
C GLU A 290 -1.58 -22.49 -2.28
N LYS A 291 -1.00 -22.65 -3.46
CA LYS A 291 0.44 -22.56 -3.61
C LYS A 291 0.95 -21.19 -3.19
N ASP A 292 0.29 -20.13 -3.67
CA ASP A 292 0.76 -18.79 -3.38
C ASP A 292 0.47 -18.41 -1.93
N LEU A 293 -0.62 -18.94 -1.40
CA LEU A 293 -0.98 -18.71 0.00
C LEU A 293 0.02 -19.36 0.96
N ARG A 294 0.52 -20.54 0.59
CA ARG A 294 1.50 -21.19 1.44
C ARG A 294 2.76 -20.35 1.62
N LYS A 295 3.41 -19.96 0.52
CA LYS A 295 4.63 -19.14 0.59
C LYS A 295 4.40 -17.90 1.43
N LYS A 296 3.30 -17.21 1.16
CA LYS A 296 2.96 -16.01 1.94
C LYS A 296 2.90 -16.31 3.43
N LEU A 297 2.19 -17.37 3.80
CA LEU A 297 2.09 -17.77 5.19
C LEU A 297 3.48 -18.09 5.74
N VAL A 298 4.27 -18.82 4.95
CA VAL A 298 5.65 -19.13 5.33
C VAL A 298 6.56 -17.89 5.42
N ASN A 299 6.55 -17.03 4.41
CA ASN A 299 7.38 -15.82 4.46
C ASN A 299 7.03 -14.88 5.61
N ASN A 300 5.83 -15.04 6.17
CA ASN A 300 5.44 -14.31 7.38
C ASN A 300 5.61 -15.14 8.64
N GLU A 301 6.14 -16.36 8.46
CA GLU A 301 6.52 -17.22 9.58
C GLU A 301 5.31 -17.54 10.47
N ILE A 302 4.22 -17.91 9.84
CA ILE A 302 2.98 -18.19 10.55
C ILE A 302 3.02 -19.58 11.17
N ILE A 303 2.91 -19.62 12.49
CA ILE A 303 2.70 -20.88 13.21
C ILE A 303 1.22 -20.98 13.63
N LEU A 304 0.58 -22.06 13.22
CA LEU A 304 -0.79 -22.35 13.62
C LEU A 304 -0.78 -23.54 14.59
N ASP A 305 -0.95 -23.24 15.88
CA ASP A 305 -0.82 -24.25 16.92
C ASP A 305 -2.16 -24.81 17.37
N ASP A 306 -2.18 -25.32 18.60
CA ASP A 306 -3.35 -25.96 19.18
C ASP A 306 -4.49 -24.98 19.37
N ASP A 307 -4.17 -23.81 19.88
CA ASP A 307 -5.16 -22.77 20.17
C ASP A 307 -5.52 -21.94 18.93
N PHE A 308 -5.33 -22.52 17.75
CA PHE A 308 -5.84 -21.93 16.53
C PHE A 308 -6.82 -22.87 15.82
N PRO A 309 -8.11 -22.50 15.78
CA PRO A 309 -8.66 -21.27 16.36
C PRO A 309 -8.85 -21.39 17.86
N SER A 310 -8.94 -20.24 18.53
CA SER A 310 -9.11 -20.21 19.96
C SER A 310 -10.56 -20.50 20.32
N VAL A 311 -10.76 -21.50 21.17
CA VAL A 311 -12.07 -21.74 21.73
C VAL A 311 -12.46 -20.59 22.65
N MET A 312 -11.45 -19.97 23.28
CA MET A 312 -11.69 -18.84 24.18
C MET A 312 -12.23 -17.63 23.43
N VAL A 313 -11.74 -17.40 22.21
CA VAL A 313 -12.21 -16.26 21.43
C VAL A 313 -13.64 -16.50 21.03
N TYR A 314 -13.91 -17.72 20.58
CA TYR A 314 -15.25 -18.16 20.23
C TYR A 314 -16.20 -17.92 21.40
N ASP A 315 -15.94 -18.61 22.51
CA ASP A 315 -16.74 -18.48 23.71
C ASP A 315 -16.96 -17.03 24.17
N ALA A 316 -15.92 -16.21 24.04
CA ALA A 316 -16.00 -14.82 24.51
C ALA A 316 -16.96 -14.02 23.64
N TYR A 317 -17.11 -14.43 22.38
CA TYR A 317 -18.04 -13.76 21.48
C TYR A 317 -19.45 -14.36 21.55
N MET A 318 -19.54 -15.67 21.75
CA MET A 318 -20.83 -16.36 21.75
C MET A 318 -21.53 -16.28 23.11
N ARG A 319 -20.75 -16.13 24.18
CA ARG A 319 -21.31 -16.03 25.52
C ARG A 319 -20.73 -14.84 26.26
N PRO A 320 -20.91 -13.63 25.72
CA PRO A 320 -20.33 -12.46 26.37
C PRO A 320 -21.05 -12.15 27.69
N GLU A 321 -20.38 -11.45 28.61
CA GLU A 321 -20.98 -11.12 29.89
C GLU A 321 -22.00 -9.99 29.76
N VAL A 322 -23.28 -10.31 29.91
CA VAL A 322 -24.32 -9.33 29.65
C VAL A 322 -25.48 -9.38 30.67
N ASP A 323 -26.30 -8.34 30.69
CA ASP A 323 -27.44 -8.30 31.60
C ASP A 323 -28.64 -8.90 30.88
N HIS A 324 -29.14 -10.02 31.38
CA HIS A 324 -30.25 -10.73 30.73
C HIS A 324 -31.61 -10.29 31.29
N ASP A 325 -31.62 -9.14 31.96
CA ASP A 325 -32.82 -8.62 32.58
C ASP A 325 -33.87 -8.25 31.52
N THR A 326 -35.04 -8.86 31.64
CA THR A 326 -36.11 -8.70 30.66
C THR A 326 -37.00 -7.48 30.92
N THR A 327 -36.75 -6.77 32.01
CA THR A 327 -37.58 -5.64 32.39
C THR A 327 -37.42 -4.47 31.42
N PRO A 328 -38.52 -4.10 30.72
CA PRO A 328 -38.56 -3.02 29.75
C PRO A 328 -38.02 -1.70 30.30
N PHE A 329 -37.67 -0.80 29.39
CA PHE A 329 -37.17 0.50 29.78
C PHE A 329 -38.30 1.52 29.79
N VAL A 330 -38.18 2.54 30.64
CA VAL A 330 -39.18 3.60 30.69
C VAL A 330 -38.60 4.86 30.03
N TRP A 331 -39.43 5.55 29.26
CA TRP A 331 -39.03 6.81 28.64
C TRP A 331 -39.86 7.96 29.19
N GLY A 332 -39.20 8.90 29.85
CA GLY A 332 -39.85 10.07 30.41
C GLY A 332 -39.97 11.22 29.42
N VAL A 333 -39.95 12.43 29.93
CA VAL A 333 -40.08 13.62 29.08
C VAL A 333 -39.02 14.65 29.45
N PRO A 334 -38.44 15.30 28.42
CA PRO A 334 -37.38 16.30 28.61
C PRO A 334 -37.85 17.49 29.47
N ASP A 335 -37.36 17.54 30.70
CA ASP A 335 -37.80 18.56 31.66
C ASP A 335 -37.17 19.91 31.35
N LEU A 336 -37.91 20.75 30.63
CA LEU A 336 -37.42 22.04 30.14
C LEU A 336 -36.78 22.92 31.22
N ASP A 337 -37.29 22.84 32.44
CA ASP A 337 -36.70 23.60 33.53
C ASP A 337 -35.30 23.11 33.87
N MET A 338 -35.18 21.82 34.16
CA MET A 338 -33.91 21.23 34.57
C MET A 338 -32.87 21.29 33.45
N LEU A 339 -33.34 21.22 32.21
CA LEU A 339 -32.46 21.28 31.04
C LEU A 339 -31.91 22.69 30.83
N ARG A 340 -32.78 23.69 30.95
CA ARG A 340 -32.37 25.08 30.80
C ARG A 340 -31.48 25.52 31.97
N SER A 341 -31.76 24.97 33.15
CA SER A 341 -30.99 25.24 34.36
C SER A 341 -29.86 24.23 34.58
N PHE A 342 -29.45 23.60 33.48
CA PHE A 342 -28.30 22.70 33.49
C PHE A 342 -27.28 23.30 32.53
N MET A 343 -27.76 23.60 31.33
CA MET A 343 -26.99 24.28 30.31
C MET A 343 -26.46 25.62 30.81
N LYS A 344 -27.30 26.35 31.55
CA LYS A 344 -26.93 27.66 32.06
C LYS A 344 -25.77 27.55 33.04
N THR A 345 -25.81 26.53 33.90
CA THR A 345 -24.78 26.38 34.93
C THR A 345 -23.49 25.70 34.45
N GLN A 346 -23.62 24.60 33.69
CA GLN A 346 -22.45 23.84 33.23
C GLN A 346 -21.75 24.49 32.02
N LEU A 347 -22.52 25.20 31.19
CA LEU A 347 -21.97 25.77 29.95
C LEU A 347 -22.03 27.29 29.90
N GLY A 348 -22.97 27.88 30.63
CA GLY A 348 -23.20 29.31 30.56
C GLY A 348 -24.22 29.67 29.50
N TRP A 349 -25.24 28.84 29.35
CA TRP A 349 -26.24 29.03 28.30
C TRP A 349 -27.43 29.87 28.76
N PRO A 350 -27.71 30.96 28.04
CA PRO A 350 -28.91 31.75 28.33
C PRO A 350 -30.15 30.94 27.94
N HIS A 351 -31.26 31.23 28.60
CA HIS A 351 -32.47 30.46 28.37
C HIS A 351 -32.98 30.56 26.94
N GLU A 352 -32.76 31.70 26.31
CA GLU A 352 -33.28 31.97 24.97
C GLU A 352 -32.65 31.07 23.91
N LYS A 353 -31.55 30.42 24.26
CA LYS A 353 -30.91 29.46 23.37
C LYS A 353 -31.52 28.08 23.56
N SER A 354 -31.47 27.57 24.79
CA SER A 354 -31.96 26.24 25.11
C SER A 354 -33.43 26.08 24.75
N ASP A 355 -34.20 27.14 24.94
CA ASP A 355 -35.64 27.13 24.68
C ASP A 355 -35.94 27.10 23.19
N GLU A 356 -35.13 27.81 22.41
CA GLU A 356 -35.29 27.78 20.96
C GLU A 356 -35.00 26.36 20.43
N ILE A 357 -34.04 25.68 21.05
CA ILE A 357 -33.71 24.32 20.70
C ILE A 357 -34.74 23.33 21.27
N LEU A 358 -35.00 23.43 22.56
CA LEU A 358 -35.82 22.44 23.27
C LEU A 358 -37.35 22.52 23.09
N ILE A 359 -37.90 23.72 22.96
CA ILE A 359 -39.36 23.85 22.80
C ILE A 359 -39.94 23.13 21.57
N PRO A 360 -39.29 23.25 20.40
CA PRO A 360 -39.73 22.40 19.28
C PRO A 360 -39.48 20.91 19.53
N LEU A 361 -38.63 20.56 20.50
CA LEU A 361 -38.38 19.16 20.85
C LEU A 361 -39.49 18.57 21.73
N ILE A 362 -40.01 19.36 22.66
CA ILE A 362 -41.08 18.91 23.56
C ILE A 362 -42.42 18.74 22.82
N ARG A 363 -42.75 19.68 21.95
CA ARG A 363 -44.06 19.70 21.28
C ARG A 363 -44.04 19.28 19.80
N ASP A 364 -42.84 18.96 19.30
CA ASP A 364 -42.64 18.58 17.90
C ASP A 364 -43.12 19.64 16.91
N GLY B 1 18.79 -1.51 -12.16
CA GLY B 1 18.28 -0.21 -11.74
C GLY B 1 18.39 -0.07 -10.23
N VAL B 2 18.50 1.16 -9.76
CA VAL B 2 18.46 1.41 -8.31
C VAL B 2 17.01 1.57 -7.88
N HIS B 3 16.60 0.79 -6.88
CA HIS B 3 15.22 0.76 -6.42
C HIS B 3 14.69 2.15 -6.09
N SER B 4 13.57 2.51 -6.71
CA SER B 4 12.89 3.77 -6.43
C SER B 4 13.64 4.99 -6.91
N PHE B 5 14.76 4.80 -7.61
CA PHE B 5 15.55 5.96 -8.04
C PHE B 5 14.81 6.89 -8.99
N TRP B 6 14.13 6.34 -9.98
CA TRP B 6 13.36 7.15 -10.93
C TRP B 6 12.27 8.04 -10.30
N ASP B 7 11.85 7.73 -9.08
CA ASP B 7 10.87 8.56 -8.37
C ASP B 7 11.54 9.72 -7.68
N ILE B 8 12.80 9.55 -7.30
CA ILE B 8 13.57 10.64 -6.72
C ILE B 8 14.06 11.57 -7.82
N ALA B 9 14.44 11.01 -8.96
CA ALA B 9 14.99 11.81 -10.05
C ALA B 9 13.88 12.54 -10.79
N GLY B 10 12.72 11.89 -10.87
CA GLY B 10 11.59 12.35 -11.66
C GLY B 10 11.29 13.83 -11.76
N PRO B 11 11.17 14.54 -10.60
CA PRO B 11 10.91 15.97 -10.69
C PRO B 11 12.07 16.82 -11.23
N THR B 12 13.27 16.23 -11.38
CA THR B 12 14.39 16.97 -11.99
C THR B 12 14.32 16.91 -13.52
N ALA B 13 13.51 15.99 -14.05
CA ALA B 13 13.42 15.78 -15.49
C ALA B 13 12.77 16.96 -16.21
N ARG B 14 13.23 17.21 -17.44
CA ARG B 14 12.62 18.22 -18.30
C ARG B 14 12.16 17.53 -19.58
N PRO B 15 10.94 17.82 -20.03
CA PRO B 15 10.37 17.11 -21.18
C PRO B 15 11.13 17.45 -22.45
N VAL B 16 11.03 16.60 -23.47
CA VAL B 16 11.75 16.80 -24.73
C VAL B 16 10.82 16.50 -25.88
N ARG B 17 10.78 17.39 -26.87
CA ARG B 17 10.12 17.07 -28.13
C ARG B 17 11.17 16.39 -29.00
N LEU B 18 10.78 15.27 -29.63
CA LEU B 18 11.74 14.43 -30.35
C LEU B 18 12.43 15.15 -31.53
N GLU B 19 11.78 16.19 -32.05
CA GLU B 19 12.28 16.92 -33.21
C GLU B 19 13.59 17.66 -32.91
N SER B 20 13.88 17.84 -31.63
CA SER B 20 15.10 18.52 -31.17
C SER B 20 16.34 17.62 -31.05
N LEU B 21 16.27 16.40 -31.55
CA LEU B 21 17.35 15.45 -31.36
C LEU B 21 18.11 15.13 -32.66
N GLU B 22 17.74 15.84 -33.73
CA GLU B 22 18.30 15.65 -35.06
C GLU B 22 19.83 15.68 -35.07
N ASP B 23 20.41 14.63 -35.65
CA ASP B 23 21.86 14.50 -35.86
C ASP B 23 22.69 14.24 -34.60
N LYS B 24 22.03 14.12 -33.46
CA LYS B 24 22.77 13.81 -32.23
C LYS B 24 23.20 12.35 -32.22
N ARG B 25 24.45 12.12 -31.80
CA ARG B 25 24.97 10.77 -31.64
C ARG B 25 24.43 10.20 -30.34
N MET B 26 23.89 9.00 -30.42
CA MET B 26 23.09 8.50 -29.31
C MET B 26 23.42 7.04 -28.98
N ALA B 27 24.04 6.82 -27.83
CA ALA B 27 24.26 5.46 -27.34
C ALA B 27 22.93 4.85 -26.94
N VAL B 28 22.53 3.77 -27.59
CA VAL B 28 21.28 3.08 -27.27
C VAL B 28 21.52 1.84 -26.41
N ASP B 29 20.85 1.76 -25.25
CA ASP B 29 21.00 0.61 -24.32
C ASP B 29 20.09 -0.55 -24.68
N ALA B 30 20.45 -1.30 -25.72
CA ALA B 30 19.60 -2.39 -26.19
C ALA B 30 19.74 -3.67 -25.36
N SER B 31 20.43 -3.59 -24.22
CA SER B 31 20.79 -4.76 -23.41
C SER B 31 19.66 -5.73 -23.03
N ILE B 32 18.41 -5.27 -23.00
CA ILE B 32 17.32 -6.14 -22.57
C ILE B 32 16.18 -6.22 -23.58
N TRP B 33 16.34 -5.54 -24.71
CA TRP B 33 15.29 -5.47 -25.72
C TRP B 33 14.74 -6.85 -26.13
N ILE B 34 15.63 -7.79 -26.44
CA ILE B 34 15.18 -9.09 -26.94
C ILE B 34 14.32 -9.85 -25.92
N TYR B 35 14.82 -9.99 -24.68
CA TYR B 35 14.10 -10.69 -23.62
C TYR B 35 12.72 -10.07 -23.35
N GLN B 36 12.59 -8.77 -23.57
CA GLN B 36 11.32 -8.09 -23.34
C GLN B 36 10.35 -8.33 -24.50
N PHE B 37 10.86 -8.28 -25.73
CA PHE B 37 10.03 -8.48 -26.90
C PHE B 37 9.35 -9.84 -26.87
N LEU B 38 10.05 -10.82 -26.31
CA LEU B 38 9.50 -12.14 -26.08
C LEU B 38 8.41 -12.07 -25.02
N LYS B 39 8.77 -11.53 -23.86
CA LYS B 39 7.90 -11.50 -22.69
C LYS B 39 6.66 -10.61 -22.86
N ALA B 40 6.70 -9.65 -23.77
CA ALA B 40 5.67 -8.62 -23.84
C ALA B 40 4.76 -8.68 -25.05
N VAL B 41 5.14 -9.45 -26.07
CA VAL B 41 4.25 -9.65 -27.20
C VAL B 41 3.84 -11.12 -27.40
N ARG B 42 2.55 -11.32 -27.63
CA ARG B 42 1.95 -12.64 -27.84
C ARG B 42 0.50 -12.50 -28.33
N ASP B 43 -0.23 -13.61 -28.33
CA ASP B 43 -1.64 -13.61 -28.72
C ASP B 43 -2.38 -14.79 -28.07
N ALA B 48 3.96 -16.62 -27.30
CA ALA B 48 5.14 -15.87 -27.70
C ALA B 48 5.20 -15.71 -29.23
N VAL B 49 5.05 -14.48 -29.70
CA VAL B 49 5.06 -14.18 -31.13
C VAL B 49 6.42 -14.42 -31.79
N LYS B 50 6.41 -15.17 -32.90
CA LYS B 50 7.63 -15.50 -33.63
C LYS B 50 8.30 -14.24 -34.17
N ASN B 51 9.62 -14.20 -34.08
CA ASN B 51 10.42 -13.10 -34.63
C ASN B 51 10.02 -11.71 -34.14
N SER B 52 9.50 -11.64 -32.91
CA SER B 52 9.14 -10.35 -32.33
C SER B 52 10.39 -9.49 -32.25
N HIS B 53 11.51 -10.15 -31.94
CA HIS B 53 12.80 -9.49 -31.83
C HIS B 53 13.13 -8.69 -33.08
N ILE B 54 12.83 -9.26 -34.24
CA ILE B 54 13.04 -8.56 -35.51
C ILE B 54 12.12 -7.36 -35.65
N THR B 55 10.82 -7.58 -35.49
CA THR B 55 9.83 -6.53 -35.63
C THR B 55 10.04 -5.45 -34.58
N GLY B 56 10.27 -5.87 -33.34
CA GLY B 56 10.58 -4.96 -32.26
C GLY B 56 11.74 -4.04 -32.60
N PHE B 57 12.91 -4.63 -32.85
CA PHE B 57 14.10 -3.86 -33.18
C PHE B 57 13.87 -3.00 -34.42
N PHE B 58 13.07 -3.51 -35.35
CA PHE B 58 12.78 -2.76 -36.56
C PHE B 58 12.05 -1.45 -36.29
N ARG B 59 10.91 -1.53 -35.61
CA ARG B 59 10.15 -0.33 -35.32
C ARG B 59 11.01 0.72 -34.61
N ARG B 60 11.59 0.32 -33.48
CA ARG B 60 12.45 1.22 -32.70
C ARG B 60 13.56 1.84 -33.55
N ILE B 61 14.19 1.04 -34.42
CA ILE B 61 15.23 1.58 -35.27
C ILE B 61 14.70 2.75 -36.11
N CYS B 62 13.57 2.52 -36.79
CA CYS B 62 12.97 3.51 -37.69
C CYS B 62 12.53 4.76 -36.95
N LYS B 63 12.06 4.61 -35.72
CA LYS B 63 11.70 5.76 -34.92
C LYS B 63 12.91 6.67 -34.68
N LEU B 64 14.06 6.06 -34.38
CA LEU B 64 15.27 6.84 -34.12
C LEU B 64 15.72 7.58 -35.38
N LEU B 65 15.53 6.94 -36.53
CA LEU B 65 15.99 7.49 -37.79
C LEU B 65 15.04 8.56 -38.34
N TYR B 66 13.74 8.37 -38.10
CA TYR B 66 12.74 9.37 -38.46
C TYR B 66 13.06 10.73 -37.88
N PHE B 67 13.64 10.76 -36.68
CA PHE B 67 13.99 12.03 -36.07
C PHE B 67 15.48 12.34 -36.25
N GLY B 68 16.13 11.58 -37.13
CA GLY B 68 17.49 11.84 -37.56
C GLY B 68 18.55 11.67 -36.49
N ILE B 69 18.31 10.72 -35.60
CA ILE B 69 19.28 10.38 -34.59
C ILE B 69 20.28 9.37 -35.18
N ARG B 70 21.57 9.61 -34.97
CA ARG B 70 22.59 8.63 -35.34
C ARG B 70 22.92 7.76 -34.12
N PRO B 71 22.25 6.61 -33.99
CA PRO B 71 22.34 5.80 -32.78
C PRO B 71 23.53 4.85 -32.85
N VAL B 72 24.00 4.39 -31.68
CA VAL B 72 24.99 3.32 -31.64
C VAL B 72 24.58 2.37 -30.55
N PHE B 73 24.28 1.14 -30.93
CA PHE B 73 23.65 0.22 -30.01
C PHE B 73 24.64 -0.46 -29.10
N VAL B 74 24.21 -0.78 -27.89
CA VAL B 74 25.09 -1.38 -26.90
C VAL B 74 24.44 -2.57 -26.20
N PHE B 75 25.03 -3.75 -26.37
CA PHE B 75 24.49 -4.99 -25.81
C PHE B 75 25.29 -5.40 -24.57
N ASP B 76 24.64 -6.08 -23.63
CA ASP B 76 25.33 -6.67 -22.48
C ASP B 76 26.37 -7.67 -22.97
N GLY B 77 27.45 -7.80 -22.22
CA GLY B 77 28.40 -8.86 -22.45
C GLY B 77 28.31 -9.86 -21.32
N GLY B 78 28.87 -9.52 -20.18
CA GLY B 78 28.87 -10.43 -19.04
C GLY B 78 27.98 -9.95 -17.92
N VAL B 79 28.00 -10.66 -16.80
CA VAL B 79 27.26 -10.26 -15.61
C VAL B 79 28.21 -10.25 -14.42
N PRO B 80 28.50 -9.05 -13.88
CA PRO B 80 29.48 -8.85 -12.79
C PRO B 80 29.19 -9.77 -11.61
N VAL B 81 30.22 -10.28 -10.96
CA VAL B 81 30.03 -11.27 -9.89
C VAL B 81 29.16 -10.69 -8.76
N LEU B 82 29.39 -9.41 -8.46
CA LEU B 82 28.66 -8.72 -7.39
C LEU B 82 27.17 -8.70 -7.69
N LYS B 83 26.83 -8.71 -8.98
CA LYS B 83 25.45 -8.84 -9.40
C LYS B 83 24.93 -10.25 -9.13
N ARG B 84 25.72 -11.26 -9.52
CA ARG B 84 25.36 -12.65 -9.28
C ARG B 84 25.23 -12.97 -7.79
N GLU B 85 26.10 -12.38 -6.97
CA GLU B 85 26.03 -12.56 -5.52
C GLU B 85 24.68 -12.04 -5.03
N THR B 86 24.29 -10.86 -5.52
CA THR B 86 23.10 -10.16 -5.02
C THR B 86 21.79 -10.91 -5.25
N ILE B 87 21.60 -11.48 -6.43
CA ILE B 87 20.39 -12.26 -6.71
C ILE B 87 20.29 -13.49 -5.78
N ARG B 88 21.45 -13.95 -5.29
CA ARG B 88 21.50 -15.10 -4.39
C ARG B 88 21.15 -14.68 -2.96
N ASP B 144 10.39 -17.55 -23.31
CA ASP B 144 11.39 -18.61 -23.20
C ASP B 144 12.80 -18.03 -23.02
N GLU B 145 13.68 -18.24 -23.99
CA GLU B 145 15.07 -17.80 -23.89
C GLU B 145 15.53 -16.94 -25.06
N VAL B 146 16.64 -16.23 -24.86
CA VAL B 146 17.27 -15.45 -25.92
C VAL B 146 18.40 -16.25 -26.54
N THR B 147 18.26 -16.55 -27.83
CA THR B 147 19.21 -17.42 -28.50
C THR B 147 20.28 -16.66 -29.30
N MET B 148 21.41 -17.32 -29.54
CA MET B 148 22.51 -16.72 -30.29
C MET B 148 22.05 -16.28 -31.68
N ASP B 149 21.02 -16.93 -32.20
CA ASP B 149 20.46 -16.57 -33.50
C ASP B 149 19.72 -15.22 -33.45
N MET B 150 18.98 -14.99 -32.37
CA MET B 150 18.27 -13.73 -32.20
C MET B 150 19.25 -12.55 -32.22
N ILE B 151 20.30 -12.67 -31.43
CA ILE B 151 21.34 -11.64 -31.38
C ILE B 151 22.00 -11.35 -32.73
N LYS B 152 22.37 -12.39 -33.47
CA LYS B 152 23.03 -12.18 -34.75
C LYS B 152 22.03 -11.71 -35.77
N GLU B 153 20.76 -12.06 -35.56
CA GLU B 153 19.67 -11.58 -36.41
C GLU B 153 19.43 -10.07 -36.25
N VAL B 154 19.27 -9.59 -35.02
CA VAL B 154 19.07 -8.16 -34.81
C VAL B 154 20.32 -7.37 -35.18
N GLN B 155 21.49 -7.99 -35.00
CA GLN B 155 22.74 -7.31 -35.32
C GLN B 155 22.99 -7.26 -36.82
N GLU B 156 22.55 -8.30 -37.54
CA GLU B 156 22.56 -8.25 -39.00
C GLU B 156 21.67 -7.11 -39.48
N LEU B 157 20.48 -7.02 -38.90
CA LEU B 157 19.54 -5.94 -39.23
C LEU B 157 20.20 -4.57 -39.01
N LEU B 158 20.83 -4.38 -37.86
CA LEU B 158 21.51 -3.12 -37.55
C LEU B 158 22.57 -2.79 -38.60
N SER B 159 23.27 -3.82 -39.06
CA SER B 159 24.36 -3.63 -40.01
C SER B 159 23.81 -3.18 -41.35
N ARG B 160 22.67 -3.75 -41.74
CA ARG B 160 22.01 -3.38 -42.99
C ARG B 160 21.42 -1.96 -42.96
N PHE B 161 20.96 -1.52 -41.79
CA PHE B 161 20.54 -0.15 -41.60
C PHE B 161 21.72 0.82 -41.66
N GLY B 162 22.94 0.29 -41.64
CA GLY B 162 24.14 1.11 -41.56
C GLY B 162 24.34 1.69 -40.16
N ILE B 163 23.85 0.98 -39.15
CA ILE B 163 23.96 1.41 -37.76
C ILE B 163 25.10 0.73 -37.00
N PRO B 164 25.95 1.52 -36.34
CA PRO B 164 27.08 0.97 -35.60
C PRO B 164 26.62 0.35 -34.29
N TYR B 165 27.33 -0.70 -33.87
CA TYR B 165 26.98 -1.37 -32.63
C TYR B 165 28.18 -2.06 -32.03
N ILE B 166 28.10 -2.32 -30.74
CA ILE B 166 29.18 -2.96 -30.01
C ILE B 166 28.54 -3.84 -28.97
N THR B 167 29.35 -4.71 -28.39
CA THR B 167 28.91 -5.54 -27.29
C THR B 167 29.83 -5.16 -26.14
N ALA B 168 29.23 -4.77 -25.02
CA ALA B 168 29.98 -4.32 -23.86
C ALA B 168 30.67 -5.49 -23.18
N PRO B 169 31.84 -5.25 -22.59
CA PRO B 169 32.60 -6.25 -21.84
C PRO B 169 31.75 -6.87 -20.74
N MET B 170 30.98 -6.01 -20.07
CA MET B 170 30.00 -6.40 -19.07
C MET B 170 28.68 -5.68 -19.33
N GLU B 171 28.35 -4.71 -18.46
CA GLU B 171 27.06 -4.02 -18.51
C GLU B 171 26.93 -2.91 -19.56
N ALA B 172 25.95 -3.06 -20.45
CA ALA B 172 25.68 -2.06 -21.47
C ALA B 172 25.51 -0.63 -20.94
N GLU B 173 24.81 -0.48 -19.81
CA GLU B 173 24.63 0.83 -19.18
C GLU B 173 25.97 1.50 -18.87
N ALA B 174 26.86 0.74 -18.24
CA ALA B 174 28.19 1.25 -17.90
C ALA B 174 28.96 1.63 -19.14
N GLN B 175 28.95 0.77 -20.15
CA GLN B 175 29.61 1.06 -21.41
C GLN B 175 29.03 2.35 -22.03
N CYS B 176 27.69 2.45 -22.00
CA CYS B 176 26.99 3.64 -22.48
C CYS B 176 27.50 4.90 -21.81
N ALA B 177 27.63 4.86 -20.48
CA ALA B 177 28.17 6.00 -19.76
C ALA B 177 29.57 6.30 -20.22
N GLU B 178 30.34 5.25 -20.48
CA GLU B 178 31.70 5.47 -20.91
C GLU B 178 31.72 6.15 -22.28
N LEU B 179 30.90 5.66 -23.21
CA LEU B 179 30.88 6.20 -24.57
C LEU B 179 30.71 7.71 -24.57
N LEU B 180 29.76 8.17 -23.78
CA LEU B 180 29.54 9.58 -23.59
C LEU B 180 30.82 10.27 -23.07
N GLN B 181 31.31 9.80 -21.93
CA GLN B 181 32.48 10.39 -21.26
C GLN B 181 33.65 10.59 -22.23
N LEU B 182 33.67 9.80 -23.30
CA LEU B 182 34.70 9.83 -24.32
C LEU B 182 34.30 10.62 -25.56
N ASN B 183 33.12 11.24 -25.50
CA ASN B 183 32.59 12.06 -26.59
C ASN B 183 32.36 11.32 -27.92
N LEU B 184 32.10 10.03 -27.83
CA LEU B 184 31.73 9.26 -28.99
C LEU B 184 30.25 9.48 -29.30
N VAL B 185 29.50 9.85 -28.27
CA VAL B 185 28.09 10.19 -28.44
C VAL B 185 27.74 11.51 -27.79
N ASP B 186 26.46 11.85 -27.85
CA ASP B 186 26.03 13.10 -27.26
C ASP B 186 24.99 12.86 -26.16
N GLY B 187 24.43 11.65 -26.14
CA GLY B 187 23.46 11.30 -25.14
C GLY B 187 23.33 9.79 -24.99
N ILE B 188 22.60 9.37 -23.96
CA ILE B 188 22.40 7.97 -23.67
C ILE B 188 20.89 7.68 -23.59
N ILE B 189 20.39 6.82 -24.48
CA ILE B 189 19.00 6.37 -24.42
C ILE B 189 18.89 5.05 -23.67
N THR B 190 18.33 5.11 -22.45
CA THR B 190 18.21 3.95 -21.60
C THR B 190 17.09 4.29 -20.63
N ASP B 191 16.55 3.30 -19.92
CA ASP B 191 15.60 3.58 -18.84
C ASP B 191 16.10 2.99 -17.54
N ASP B 192 17.36 2.58 -17.58
CA ASP B 192 18.02 1.94 -16.45
C ASP B 192 18.65 2.98 -15.55
N SER B 193 18.04 3.22 -14.38
CA SER B 193 18.56 4.20 -13.42
C SER B 193 20.01 3.96 -12.97
N ASP B 194 20.52 2.73 -13.14
CA ASP B 194 21.91 2.42 -12.80
C ASP B 194 22.91 3.26 -13.58
N VAL B 195 22.46 3.80 -14.71
CA VAL B 195 23.33 4.58 -15.57
C VAL B 195 23.94 5.78 -14.82
N PHE B 196 23.19 6.40 -13.90
CA PHE B 196 23.74 7.56 -13.17
C PHE B 196 24.92 7.17 -12.28
N LEU B 197 24.81 6.03 -11.61
CA LEU B 197 25.86 5.57 -10.72
C LEU B 197 27.13 5.22 -11.52
N PHE B 198 26.95 4.86 -12.79
CA PHE B 198 28.09 4.61 -13.67
C PHE B 198 28.57 5.94 -14.26
N GLY B 199 28.16 7.05 -13.65
CA GLY B 199 28.58 8.36 -14.11
C GLY B 199 27.84 8.80 -15.36
N GLY B 200 26.68 8.19 -15.61
CA GLY B 200 25.88 8.60 -16.75
C GLY B 200 25.32 10.00 -16.57
N THR B 201 25.03 10.63 -17.70
CA THR B 201 24.36 11.92 -17.71
C THR B 201 23.81 12.15 -19.11
N LYS B 202 23.10 13.25 -19.34
CA LYS B 202 22.34 13.46 -20.59
C LYS B 202 21.54 12.20 -20.95
N ILE B 203 20.75 11.75 -19.99
CA ILE B 203 19.98 10.52 -20.07
C ILE B 203 18.56 10.77 -20.56
N TYR B 204 18.18 10.09 -21.63
CA TYR B 204 16.84 10.22 -22.22
C TYR B 204 15.94 9.03 -21.86
N LYS B 205 15.05 9.24 -20.90
CA LYS B 205 14.10 8.22 -20.44
C LYS B 205 12.88 8.10 -21.37
N ASN B 206 12.17 6.97 -21.29
CA ASN B 206 10.88 6.78 -21.94
C ASN B 206 10.89 6.87 -23.47
N MET B 207 12.07 6.81 -24.08
CA MET B 207 12.20 6.98 -25.53
C MET B 207 11.30 6.05 -26.35
N PHE B 208 10.90 4.92 -25.78
CA PHE B 208 10.04 3.96 -26.47
C PHE B 208 8.73 3.61 -25.73
N HIS B 209 8.18 4.58 -24.99
CA HIS B 209 6.77 4.57 -24.61
C HIS B 209 5.98 5.00 -25.86
N GLU B 210 4.72 4.58 -26.09
CA GLU B 210 3.64 4.17 -25.14
C GLU B 210 2.98 5.40 -24.52
N LYS B 211 2.49 5.27 -23.29
CA LYS B 211 1.76 6.37 -22.66
C LYS B 211 2.64 7.60 -22.41
N ASN B 212 3.86 7.37 -21.92
CA ASN B 212 4.73 8.44 -21.43
C ASN B 212 5.35 9.31 -22.51
N TYR B 213 5.72 10.54 -22.13
CA TYR B 213 6.55 11.39 -22.99
C TYR B 213 8.01 11.18 -22.57
N VAL B 214 8.96 11.74 -23.34
CA VAL B 214 10.37 11.49 -23.11
C VAL B 214 11.03 12.53 -22.20
N GLU B 215 11.79 12.06 -21.22
CA GLU B 215 12.34 12.92 -20.18
C GLU B 215 13.86 12.97 -20.21
N PHE B 216 14.41 14.17 -20.12
CA PHE B 216 15.85 14.39 -20.15
C PHE B 216 16.38 14.62 -18.74
N TYR B 217 17.43 13.90 -18.37
CA TYR B 217 18.00 14.02 -17.03
C TYR B 217 19.46 14.39 -17.18
N ASP B 218 20.03 15.01 -16.15
CA ASP B 218 21.48 15.21 -16.14
C ASP B 218 22.05 15.47 -14.74
N ALA B 219 23.33 15.15 -14.58
CA ALA B 219 23.96 15.14 -13.26
C ALA B 219 23.98 16.50 -12.56
N GLU B 220 23.99 17.57 -13.33
CA GLU B 220 24.02 18.91 -12.72
C GLU B 220 22.66 19.29 -12.13
N SER B 221 21.58 19.00 -12.85
CA SER B 221 20.24 19.28 -12.35
C SER B 221 20.01 18.53 -11.05
N ILE B 222 20.26 17.22 -11.08
CA ILE B 222 20.18 16.38 -9.88
C ILE B 222 20.94 16.98 -8.68
N LEU B 223 22.16 17.46 -8.92
CA LEU B 223 22.93 18.05 -7.83
C LEU B 223 22.30 19.36 -7.36
N LYS B 224 21.92 20.21 -8.31
CA LYS B 224 21.36 21.52 -8.00
C LYS B 224 20.02 21.37 -7.28
N LEU B 225 19.12 20.59 -7.88
CA LEU B 225 17.78 20.41 -7.34
C LEU B 225 17.72 19.51 -6.11
N LEU B 226 18.49 18.43 -6.11
CA LEU B 226 18.35 17.40 -5.08
C LEU B 226 19.53 17.31 -4.13
N GLY B 227 20.64 17.93 -4.48
CA GLY B 227 21.86 17.86 -3.68
C GLY B 227 22.49 16.49 -3.70
N LEU B 228 22.49 15.84 -4.87
CA LEU B 228 23.03 14.49 -4.97
C LEU B 228 24.14 14.37 -6.01
N ASP B 229 25.38 14.11 -5.55
CA ASP B 229 26.45 13.82 -6.48
C ASP B 229 26.54 12.32 -6.74
N ARG B 230 27.52 11.89 -7.53
CA ARG B 230 27.65 10.47 -7.85
C ARG B 230 27.86 9.62 -6.61
N LYS B 231 28.68 10.09 -5.67
CA LYS B 231 28.93 9.31 -4.47
C LYS B 231 27.68 9.26 -3.59
N ASN B 232 26.91 10.35 -3.57
CA ASN B 232 25.62 10.37 -2.88
C ASN B 232 24.68 9.30 -3.43
N MET B 233 24.78 9.05 -4.73
CA MET B 233 23.87 8.13 -5.39
C MET B 233 24.28 6.69 -5.15
N ILE B 234 25.59 6.45 -5.10
CA ILE B 234 26.13 5.12 -4.89
C ILE B 234 25.82 4.66 -3.47
N GLU B 235 25.72 5.62 -2.56
CA GLU B 235 25.39 5.31 -1.18
C GLU B 235 23.88 5.24 -1.01
N LEU B 236 23.16 6.02 -1.83
CA LEU B 236 21.71 5.91 -1.89
C LEU B 236 21.33 4.47 -2.23
N ALA B 237 22.02 3.89 -3.20
CA ALA B 237 21.70 2.54 -3.66
C ALA B 237 21.97 1.49 -2.61
N GLN B 238 22.66 1.86 -1.53
CA GLN B 238 22.92 0.93 -0.43
C GLN B 238 21.87 1.05 0.69
N LEU B 239 21.07 2.10 0.61
CA LEU B 239 19.91 2.23 1.50
C LEU B 239 18.68 1.66 0.79
N LEU B 240 18.59 1.90 -0.51
CA LEU B 240 17.43 1.54 -1.32
C LEU B 240 17.53 0.15 -1.92
N GLY B 241 18.75 -0.35 -2.08
CA GLY B 241 18.95 -1.62 -2.76
C GLY B 241 18.95 -1.46 -4.27
N SER B 242 19.65 -2.35 -4.96
CA SER B 242 19.76 -2.33 -6.41
C SER B 242 20.26 -3.68 -6.91
N ASP B 243 20.75 -3.70 -8.14
CA ASP B 243 21.40 -4.89 -8.70
C ASP B 243 22.67 -5.30 -7.95
N TYR B 244 23.21 -4.40 -7.11
CA TYR B 244 24.52 -4.65 -6.48
C TYR B 244 24.46 -4.75 -4.97
N THR B 245 23.28 -4.50 -4.41
CA THR B 245 23.06 -4.61 -2.98
C THR B 245 21.57 -4.66 -2.72
N ASN B 246 21.18 -5.29 -1.62
CA ASN B 246 19.77 -5.41 -1.27
C ASN B 246 19.31 -4.26 -0.41
N GLY B 247 20.27 -3.44 0.02
CA GLY B 247 19.96 -2.26 0.81
C GLY B 247 19.49 -2.59 2.22
N LEU B 248 19.09 -1.57 2.95
CA LEU B 248 18.47 -1.78 4.27
C LEU B 248 16.94 -1.86 4.14
N LYS B 249 16.36 -2.84 4.83
CA LYS B 249 14.91 -3.03 4.79
C LYS B 249 14.23 -1.95 5.62
N GLY B 250 13.23 -1.31 5.04
CA GLY B 250 12.50 -0.26 5.75
C GLY B 250 12.96 1.13 5.38
N MET B 251 14.06 1.20 4.63
CA MET B 251 14.54 2.46 4.11
C MET B 251 14.15 2.61 2.64
N GLY B 252 13.09 3.38 2.40
CA GLY B 252 12.64 3.64 1.04
C GLY B 252 13.11 5.01 0.59
N PRO B 253 12.60 5.50 -0.56
CA PRO B 253 13.01 6.77 -1.16
C PRO B 253 13.02 7.93 -0.18
N VAL B 254 11.89 8.16 0.48
CA VAL B 254 11.72 9.29 1.40
C VAL B 254 12.75 9.38 2.53
N SER B 255 12.91 8.29 3.28
CA SER B 255 13.82 8.33 4.42
C SER B 255 15.29 8.16 4.03
N SER B 256 15.55 7.44 2.94
CA SER B 256 16.91 7.28 2.44
C SER B 256 17.47 8.65 2.04
N ILE B 257 16.64 9.43 1.37
CA ILE B 257 16.98 10.80 1.00
C ILE B 257 17.30 11.63 2.25
N GLU B 258 16.48 11.47 3.29
CA GLU B 258 16.64 12.24 4.54
C GLU B 258 17.96 11.91 5.23
N VAL B 259 18.37 10.64 5.16
CA VAL B 259 19.59 10.21 5.81
C VAL B 259 20.83 10.87 5.22
N ILE B 260 20.85 10.99 3.90
CA ILE B 260 21.98 11.62 3.24
C ILE B 260 22.05 13.10 3.57
N ALA B 261 20.88 13.73 3.67
CA ALA B 261 20.81 15.18 3.91
C ALA B 261 21.05 15.57 5.36
N GLU B 262 21.19 14.58 6.24
CA GLU B 262 21.37 14.84 7.66
C GLU B 262 22.70 14.32 8.15
N PHE B 263 23.15 13.22 7.56
CA PHE B 263 24.38 12.56 7.99
C PHE B 263 25.53 12.75 7.01
N GLY B 264 25.23 13.28 5.82
CA GLY B 264 26.25 13.47 4.80
C GLY B 264 26.66 12.21 4.07
N ASN B 265 26.91 11.13 4.81
CA ASN B 265 27.30 9.86 4.22
C ASN B 265 27.04 8.66 5.13
N LEU B 266 27.13 7.47 4.55
CA LEU B 266 26.86 6.23 5.27
C LEU B 266 27.87 5.94 6.37
N LYS B 267 29.03 6.60 6.30
CA LYS B 267 30.03 6.47 7.35
C LYS B 267 29.57 7.20 8.61
N ASN B 268 29.23 8.47 8.46
CA ASN B 268 28.67 9.26 9.56
C ASN B 268 27.38 8.63 10.07
N PHE B 269 26.62 8.05 9.15
CA PHE B 269 25.35 7.42 9.48
C PHE B 269 25.60 6.23 10.38
N LYS B 270 26.66 5.49 10.08
CA LYS B 270 26.99 4.29 10.84
C LYS B 270 27.41 4.65 12.26
N ASP B 271 28.39 5.54 12.38
CA ASP B 271 28.94 5.93 13.68
C ASP B 271 27.81 6.27 14.63
N TRP B 272 26.98 7.24 14.25
CA TRP B 272 25.81 7.62 15.03
C TRP B 272 24.94 6.44 15.47
N TYR B 273 24.72 5.49 14.57
CA TYR B 273 23.85 4.35 14.86
C TYR B 273 24.53 3.32 15.74
N ASN B 274 25.83 3.11 15.53
CA ASN B 274 26.58 2.18 16.36
C ASN B 274 27.02 2.81 17.68
N ASN B 275 27.51 4.05 17.63
CA ASN B 275 27.72 4.85 18.83
C ASN B 275 26.37 5.22 19.43
N GLY B 276 25.81 4.27 20.18
CA GLY B 276 24.47 4.42 20.73
C GLY B 276 23.86 3.05 20.92
N GLN B 277 24.03 2.21 19.89
CA GLN B 277 23.60 0.81 19.96
C GLN B 277 24.68 -0.02 20.64
N PHE B 278 25.24 0.52 21.73
CA PHE B 278 26.30 -0.14 22.49
C PHE B 278 26.53 0.58 23.82
N ASN B 287 17.70 13.65 19.18
CA ASN B 287 16.52 14.48 18.93
C ASN B 287 15.34 13.71 18.34
N LYS B 288 14.42 14.43 17.73
CA LYS B 288 13.24 13.82 17.12
C LYS B 288 13.61 12.85 16.00
N PHE B 289 14.19 13.39 14.94
CA PHE B 289 14.58 12.63 13.76
C PHE B 289 15.44 11.40 14.09
N GLU B 290 16.46 11.60 14.93
CA GLU B 290 17.40 10.54 15.23
C GLU B 290 16.77 9.42 16.07
N LYS B 291 15.88 9.81 16.97
CA LYS B 291 15.22 8.84 17.86
C LYS B 291 14.16 8.03 17.11
N ASP B 292 13.40 8.71 16.25
CA ASP B 292 12.42 8.06 15.37
C ASP B 292 13.11 7.05 14.47
N LEU B 293 14.16 7.51 13.80
CA LEU B 293 14.94 6.67 12.90
C LEU B 293 15.52 5.46 13.63
N ARG B 294 16.03 5.67 14.84
CA ARG B 294 16.63 4.57 15.61
C ARG B 294 15.60 3.48 15.94
N LYS B 295 14.41 3.91 16.38
CA LYS B 295 13.32 2.97 16.63
C LYS B 295 12.97 2.23 15.34
N LYS B 296 12.95 2.97 14.24
CA LYS B 296 12.66 2.41 12.93
C LYS B 296 13.69 1.38 12.54
N LEU B 297 14.97 1.71 12.74
CA LEU B 297 16.07 0.82 12.39
C LEU B 297 16.10 -0.42 13.27
N VAL B 298 15.94 -0.23 14.58
CA VAL B 298 15.94 -1.33 15.53
C VAL B 298 14.81 -2.31 15.26
N ASN B 299 13.61 -1.78 14.99
CA ASN B 299 12.45 -2.61 14.71
C ASN B 299 12.53 -3.29 13.34
N ASN B 300 13.40 -2.82 12.46
CA ASN B 300 13.71 -3.56 11.24
C ASN B 300 14.93 -4.44 11.46
N GLU B 301 15.58 -4.24 12.61
CA GLU B 301 16.73 -5.06 13.03
C GLU B 301 17.93 -4.91 12.12
N ILE B 302 18.44 -3.69 12.04
CA ILE B 302 19.46 -3.35 11.06
C ILE B 302 20.88 -3.54 11.60
N ILE B 303 21.65 -4.32 10.87
CA ILE B 303 23.04 -4.60 11.22
C ILE B 303 23.97 -3.79 10.33
N LEU B 304 24.72 -2.87 10.95
CA LEU B 304 25.74 -2.11 10.23
C LEU B 304 27.14 -2.58 10.59
N ASP B 305 27.67 -3.57 9.86
CA ASP B 305 29.00 -4.10 10.14
C ASP B 305 30.13 -3.35 9.42
N ASP B 306 31.30 -3.98 9.37
CA ASP B 306 32.48 -3.38 8.73
C ASP B 306 32.32 -3.23 7.23
N ASP B 307 31.42 -4.03 6.64
CA ASP B 307 31.15 -3.96 5.20
C ASP B 307 30.18 -2.84 4.82
N PHE B 308 29.88 -1.93 5.75
CA PHE B 308 28.94 -0.85 5.48
C PHE B 308 29.55 0.54 5.73
N PRO B 309 29.64 1.37 4.68
CA PRO B 309 29.28 1.00 3.31
C PRO B 309 30.34 0.10 2.70
N SER B 310 30.02 -0.49 1.55
CA SER B 310 30.88 -1.49 0.92
C SER B 310 31.78 -0.88 -0.16
N VAL B 311 33.09 -1.06 -0.02
CA VAL B 311 34.05 -0.61 -1.02
C VAL B 311 33.82 -1.32 -2.36
N MET B 312 33.27 -2.53 -2.29
CA MET B 312 33.09 -3.36 -3.47
C MET B 312 31.96 -2.79 -4.32
N VAL B 313 30.80 -2.56 -3.68
CA VAL B 313 29.70 -1.88 -4.35
C VAL B 313 30.18 -0.57 -4.94
N TYR B 314 30.97 0.17 -4.16
CA TYR B 314 31.56 1.42 -4.62
C TYR B 314 32.47 1.25 -5.83
N ASP B 315 33.27 0.19 -5.82
CA ASP B 315 34.23 -0.05 -6.89
C ASP B 315 33.56 -0.50 -8.17
N ALA B 316 32.48 -1.25 -8.03
CA ALA B 316 31.80 -1.82 -9.18
C ALA B 316 30.99 -0.75 -9.90
N TYR B 317 30.60 0.29 -9.17
CA TYR B 317 29.96 1.45 -9.78
C TYR B 317 30.99 2.48 -10.29
N MET B 318 31.97 2.82 -9.46
CA MET B 318 32.97 3.82 -9.86
C MET B 318 33.92 3.32 -10.94
N ARG B 319 34.27 2.04 -10.87
CA ARG B 319 35.18 1.45 -11.85
C ARG B 319 34.63 0.18 -12.48
N PRO B 320 33.47 0.27 -13.15
CA PRO B 320 32.99 -0.93 -13.85
C PRO B 320 33.97 -1.30 -14.95
N GLU B 321 33.79 -2.45 -15.57
CA GLU B 321 34.65 -2.82 -16.69
C GLU B 321 33.99 -2.36 -18.00
N VAL B 322 34.71 -1.50 -18.73
CA VAL B 322 34.22 -0.97 -19.99
C VAL B 322 35.35 -0.83 -21.02
N ASP B 323 34.98 -0.86 -22.31
CA ASP B 323 35.92 -0.58 -23.39
C ASP B 323 36.17 0.93 -23.51
N HIS B 324 37.43 1.33 -23.31
CA HIS B 324 37.83 2.73 -23.31
C HIS B 324 38.33 3.23 -24.66
N ASP B 325 38.19 2.41 -25.71
CA ASP B 325 38.62 2.78 -27.04
C ASP B 325 38.07 4.16 -27.45
N THR B 326 38.94 5.04 -27.93
CA THR B 326 38.53 6.41 -28.27
C THR B 326 38.19 6.56 -29.76
N THR B 327 38.17 5.45 -30.48
CA THR B 327 37.88 5.48 -31.91
C THR B 327 36.42 5.86 -32.23
N PRO B 328 36.22 6.94 -33.00
CA PRO B 328 34.87 7.37 -33.42
C PRO B 328 34.11 6.25 -34.13
N PHE B 329 32.79 6.20 -33.91
CA PHE B 329 31.95 5.27 -34.67
C PHE B 329 31.68 5.87 -36.05
N VAL B 330 31.25 5.03 -36.97
CA VAL B 330 30.94 5.49 -38.32
C VAL B 330 29.50 5.13 -38.71
N TRP B 331 28.70 6.15 -39.01
CA TRP B 331 27.33 5.92 -39.48
C TRP B 331 27.28 5.84 -41.01
N GLY B 332 26.65 4.77 -41.50
CA GLY B 332 26.49 4.59 -42.93
C GLY B 332 25.03 4.60 -43.31
N VAL B 333 24.75 4.96 -44.56
CA VAL B 333 23.38 5.02 -45.04
C VAL B 333 22.76 3.62 -45.03
N PRO B 334 21.44 3.54 -44.80
CA PRO B 334 20.76 2.25 -44.89
C PRO B 334 20.75 1.76 -46.33
N ASP B 335 20.67 0.44 -46.52
CA ASP B 335 20.66 -0.16 -47.85
C ASP B 335 19.30 -0.77 -48.15
N LEU B 336 18.55 -0.15 -49.05
CA LEU B 336 17.20 -0.59 -49.36
C LEU B 336 17.14 -2.03 -49.82
N ASP B 337 17.97 -2.35 -50.81
CA ASP B 337 17.98 -3.69 -51.40
C ASP B 337 18.19 -4.78 -50.35
N MET B 338 19.22 -4.60 -49.53
CA MET B 338 19.55 -5.52 -48.43
C MET B 338 18.42 -5.61 -47.41
N LEU B 339 17.87 -4.46 -47.05
CA LEU B 339 16.75 -4.38 -46.11
C LEU B 339 15.46 -4.98 -46.67
N ARG B 340 15.18 -4.72 -47.95
CA ARG B 340 14.05 -5.36 -48.63
C ARG B 340 14.17 -6.87 -48.54
N SER B 341 15.41 -7.35 -48.66
CA SER B 341 15.68 -8.79 -48.67
C SER B 341 15.50 -9.41 -47.30
N PHE B 342 16.11 -8.79 -46.29
CA PHE B 342 16.07 -9.31 -44.92
C PHE B 342 14.64 -9.50 -44.42
N MET B 343 13.83 -8.46 -44.52
CA MET B 343 12.44 -8.51 -44.07
C MET B 343 11.63 -9.62 -44.78
N LYS B 344 11.68 -9.64 -46.11
CA LYS B 344 11.02 -10.70 -46.89
C LYS B 344 11.42 -12.09 -46.41
N THR B 345 12.72 -12.31 -46.21
CA THR B 345 13.20 -13.62 -45.73
C THR B 345 12.64 -13.96 -44.34
N GLN B 346 12.73 -13.01 -43.43
CA GLN B 346 12.36 -13.25 -42.03
C GLN B 346 10.88 -13.10 -41.77
N LEU B 347 10.23 -12.19 -42.48
CA LEU B 347 8.85 -11.79 -42.16
C LEU B 347 7.85 -11.79 -43.33
N GLY B 348 8.35 -11.92 -44.55
CA GLY B 348 7.49 -11.90 -45.73
C GLY B 348 7.01 -10.52 -46.13
N TRP B 349 7.64 -9.49 -45.59
CA TRP B 349 7.32 -8.13 -45.98
C TRP B 349 7.68 -7.93 -47.45
N PRO B 350 6.68 -7.62 -48.28
CA PRO B 350 6.93 -7.38 -49.71
C PRO B 350 7.72 -6.10 -49.91
N HIS B 351 8.42 -5.99 -51.03
CA HIS B 351 9.25 -4.82 -51.30
C HIS B 351 8.44 -3.53 -51.23
N GLU B 352 7.19 -3.61 -51.68
CA GLU B 352 6.30 -2.44 -51.64
C GLU B 352 6.17 -1.87 -50.22
N LYS B 353 5.81 -2.74 -49.27
CA LYS B 353 5.63 -2.32 -47.88
C LYS B 353 6.89 -1.69 -47.31
N SER B 354 8.02 -2.37 -47.49
CA SER B 354 9.30 -1.90 -46.96
C SER B 354 9.67 -0.53 -47.53
N ASP B 355 9.47 -0.34 -48.83
CA ASP B 355 9.77 0.94 -49.46
C ASP B 355 8.97 2.10 -48.84
N GLU B 356 7.76 1.81 -48.38
CA GLU B 356 6.89 2.82 -47.76
C GLU B 356 7.48 3.37 -46.45
N ILE B 357 8.13 2.49 -45.69
CA ILE B 357 8.78 2.87 -44.44
C ILE B 357 10.22 3.37 -44.66
N LEU B 358 10.93 2.74 -45.59
CA LEU B 358 12.36 2.99 -45.73
C LEU B 358 12.76 4.22 -46.54
N ILE B 359 12.20 4.34 -47.75
CA ILE B 359 12.56 5.44 -48.65
C ILE B 359 12.48 6.86 -48.03
N PRO B 360 11.49 7.13 -47.15
CA PRO B 360 11.54 8.41 -46.44
C PRO B 360 12.84 8.63 -45.66
N LEU B 361 13.42 7.54 -45.13
CA LEU B 361 14.58 7.62 -44.24
C LEU B 361 15.93 7.69 -44.98
N ILE B 362 15.90 7.97 -46.27
CA ILE B 362 17.13 8.06 -47.06
C ILE B 362 17.25 9.40 -47.80
CA CA E . -15.56 -2.90 20.59
K K F . -4.32 -9.60 10.21
CA CA G . 21.43 -2.12 -14.64
K K H . 15.17 -0.66 0.82
#